data_3QQI
#
_entry.id   3QQI
#
_cell.length_a   38.629
_cell.length_b   62.318
_cell.length_c   66.034
_cell.angle_alpha   64.250
_cell.angle_beta   80.040
_cell.angle_gamma   72.120
#
_symmetry.space_group_name_H-M   'P 1'
#
loop_
_entity.id
_entity.type
_entity.pdbx_description
1 polymer Hemagglutinin
2 non-polymer 2-acetamido-2-deoxy-beta-D-glucopyranose
3 non-polymer '4-(2-HYDROXYETHYL)-1-PIPERAZINE ETHANESULFONIC ACID'
4 water water
#
_entity_poly.entity_id   1
_entity_poly.type   'polypeptide(L)'
_entity_poly.pdbx_seq_one_letter_code
;GIPPLELGDCSIAGWLLGNPECDRLLSVPEWSYIMEKENPRDGLCYPGSFNDYEELKHLLSSVKHFEKVKILPKDRWTQH
TTTGGSRACAVSGNPSFFRNMVWLTEKGSNYPVAKGSYNNTSGEQMLIIWGVHHPNDETEQRTLYQNVGTYVSVGTSTLN
KRSTPEIATRPKVNGQGGRMEFSWTLLDMWDTINFESTGNLIAPEYGFKISKRGSSGIM
;
_entity_poly.pdbx_strand_id   A,B
#
# COMPACT_ATOMS: atom_id res chain seq x y z
N GLY A 1 -0.13 24.36 12.17
CA GLY A 1 0.19 25.13 10.96
C GLY A 1 1.41 24.72 10.14
N ILE A 2 1.22 24.06 8.98
CA ILE A 2 -0.08 23.60 8.42
C ILE A 2 -0.70 22.59 9.37
N PRO A 3 -1.99 22.75 9.75
CA PRO A 3 -2.57 21.81 10.70
C PRO A 3 -2.96 20.45 10.12
N PRO A 4 -3.11 19.43 10.98
CA PRO A 4 -3.62 18.14 10.48
C PRO A 4 -5.11 18.23 10.14
N LEU A 5 -5.58 17.26 9.36
CA LEU A 5 -6.98 17.07 9.08
C LEU A 5 -7.45 16.03 10.14
N GLU A 6 -8.29 16.45 11.09
CA GLU A 6 -8.78 15.53 12.11
C GLU A 6 -10.16 15.13 11.66
N LEU A 7 -10.32 13.83 11.39
CA LEU A 7 -11.61 13.35 10.89
C LEU A 7 -12.65 13.18 11.99
N GLY A 8 -12.22 13.21 13.25
CA GLY A 8 -13.16 13.02 14.37
C GLY A 8 -13.82 11.65 14.25
N ASP A 9 -15.15 11.63 14.22
CA ASP A 9 -15.97 10.41 14.10
C ASP A 9 -16.08 9.85 12.67
N CYS A 10 -15.57 10.58 11.69
CA CYS A 10 -15.70 10.22 10.29
C CYS A 10 -14.57 9.32 9.81
N SER A 11 -14.92 8.37 8.95
CA SER A 11 -13.94 7.49 8.32
C SER A 11 -13.56 8.13 6.97
N ILE A 12 -12.49 7.66 6.35
CA ILE A 12 -12.08 8.17 5.04
C ILE A 12 -13.23 7.97 4.03
N ALA A 13 -13.90 6.81 4.08
CA ALA A 13 -15.07 6.49 3.26
C ALA A 13 -16.18 7.51 3.48
N GLY A 14 -16.47 7.82 4.74
CA GLY A 14 -17.53 8.80 5.05
C GLY A 14 -17.21 10.15 4.47
N TRP A 15 -15.95 10.58 4.63
CA TRP A 15 -15.51 11.88 4.10
C TRP A 15 -15.64 11.95 2.57
N LEU A 16 -14.98 11.02 1.88
CA LEU A 16 -14.99 11.00 0.40
C LEU A 16 -16.34 10.76 -0.24
N LEU A 17 -17.15 9.88 0.33
CA LEU A 17 -18.49 9.66 -0.20
C LEU A 17 -19.43 10.83 0.13
N GLY A 18 -19.19 11.49 1.27
CA GLY A 18 -20.06 12.58 1.69
C GLY A 18 -21.16 12.11 2.59
N ASN A 19 -20.84 11.23 3.55
CA ASN A 19 -21.86 10.81 4.52
C ASN A 19 -22.38 12.12 5.16
N PRO A 20 -23.70 12.35 5.21
CA PRO A 20 -24.20 13.65 5.74
C PRO A 20 -23.75 13.99 7.17
N GLU A 21 -23.47 12.96 7.95
CA GLU A 21 -22.94 13.21 9.31
C GLU A 21 -21.50 13.85 9.27
N CYS A 22 -20.87 13.82 8.09
CA CYS A 22 -19.53 14.32 7.84
C CYS A 22 -19.56 15.65 7.09
N ASP A 23 -20.72 16.33 7.05
CA ASP A 23 -20.85 17.62 6.35
C ASP A 23 -19.79 18.66 6.72
N ARG A 24 -19.29 18.62 7.96
CA ARG A 24 -18.21 19.52 8.35
C ARG A 24 -16.95 19.41 7.49
N LEU A 25 -16.78 18.26 6.80
CA LEU A 25 -15.62 17.97 5.97
C LEU A 25 -15.91 18.11 4.46
N LEU A 26 -17.02 18.78 4.07
CA LEU A 26 -17.36 18.96 2.65
C LEU A 26 -16.35 19.76 1.88
N SER A 27 -15.63 20.66 2.55
CA SER A 27 -14.57 21.46 1.94
C SER A 27 -13.47 21.62 2.95
N VAL A 28 -12.30 21.06 2.67
CA VAL A 28 -11.20 21.11 3.63
C VAL A 28 -9.97 21.72 3.02
N PRO A 29 -9.19 22.49 3.81
CA PRO A 29 -7.97 23.10 3.26
C PRO A 29 -6.84 22.10 3.30
N GLU A 30 -5.64 22.52 2.85
CA GLU A 30 -4.45 21.66 2.86
C GLU A 30 -4.19 21.22 4.28
N TRP A 31 -3.69 19.99 4.45
CA TRP A 31 -3.37 19.41 5.76
C TRP A 31 -1.92 18.92 5.82
N SER A 32 -1.41 18.74 7.05
CA SER A 32 -0.05 18.21 7.30
C SER A 32 -0.06 16.67 7.32
N TYR A 33 -1.16 16.09 7.83
CA TYR A 33 -1.45 14.65 7.85
C TYR A 33 -2.92 14.48 8.23
N ILE A 34 -3.44 13.27 8.05
CA ILE A 34 -4.83 12.96 8.35
C ILE A 34 -4.90 12.13 9.62
N MET A 35 -5.79 12.52 10.56
CA MET A 35 -6.00 11.78 11.82
C MET A 35 -7.36 11.07 11.79
N GLU A 36 -7.34 9.72 11.86
CA GLU A 36 -8.53 8.89 11.84
C GLU A 36 -8.55 8.03 13.09
N LYS A 37 -9.74 7.85 13.69
CA LYS A 37 -9.91 7.02 14.89
C LYS A 37 -9.79 5.56 14.50
N GLU A 38 -9.48 4.68 15.48
CA GLU A 38 -9.33 3.24 15.21
C GLU A 38 -10.59 2.62 14.61
N ASN A 39 -11.78 3.00 15.13
CA ASN A 39 -13.08 2.53 14.61
C ASN A 39 -14.05 3.73 14.47
N PRO A 40 -13.96 4.49 13.36
CA PRO A 40 -14.85 5.66 13.17
C PRO A 40 -16.32 5.24 13.06
N ARG A 41 -17.25 6.04 13.59
CA ARG A 41 -18.68 5.63 13.54
C ARG A 41 -19.33 5.97 12.23
N ASP A 42 -18.91 7.09 11.62
CA ASP A 42 -19.55 7.66 10.44
C ASP A 42 -18.83 7.33 9.14
N GLY A 43 -19.24 6.23 8.53
CA GLY A 43 -18.66 5.70 7.31
C GLY A 43 -19.69 5.52 6.25
N LEU A 44 -20.04 4.26 5.97
CA LEU A 44 -21.05 3.96 5.00
C LEU A 44 -22.42 4.01 5.69
N CYS A 45 -23.19 5.14 5.56
CA CYS A 45 -24.56 5.29 6.12
C CYS A 45 -25.50 4.26 5.51
N TYR A 46 -25.46 4.13 4.18
CA TYR A 46 -26.15 3.03 3.52
C TYR A 46 -25.08 1.94 3.62
N PRO A 47 -25.39 0.74 4.17
CA PRO A 47 -24.30 -0.23 4.46
C PRO A 47 -23.66 -0.81 3.22
N GLY A 48 -22.43 -1.29 3.38
CA GLY A 48 -21.77 -1.91 2.25
C GLY A 48 -20.30 -2.15 2.49
N SER A 49 -19.53 -2.03 1.42
CA SER A 49 -18.10 -2.28 1.48
C SER A 49 -17.37 -1.32 0.63
N PHE A 50 -16.05 -1.28 0.78
CA PHE A 50 -15.22 -0.35 0.02
C PHE A 50 -14.00 -1.12 -0.43
N ASN A 51 -13.90 -1.40 -1.73
CA ASN A 51 -12.81 -2.20 -2.32
C ASN A 51 -11.48 -1.53 -2.27
N ASP A 52 -10.43 -2.32 -1.91
CA ASP A 52 -9.06 -1.82 -1.84
C ASP A 52 -8.96 -0.60 -0.93
N TYR A 53 -9.63 -0.68 0.21
CA TYR A 53 -9.69 0.42 1.16
C TYR A 53 -8.34 0.77 1.78
N GLU A 54 -7.53 -0.25 2.14
CA GLU A 54 -6.20 -0.02 2.72
C GLU A 54 -5.31 0.67 1.72
N GLU A 55 -5.40 0.26 0.44
CA GLU A 55 -4.60 0.84 -0.64
C GLU A 55 -4.98 2.31 -0.86
N LEU A 56 -6.28 2.67 -0.68
CA LEU A 56 -6.69 4.06 -0.77
C LEU A 56 -6.08 4.87 0.42
N LYS A 57 -6.11 4.30 1.64
CA LYS A 57 -5.52 4.95 2.82
C LYS A 57 -4.02 5.18 2.61
N HIS A 58 -3.32 4.25 1.95
CA HIS A 58 -1.91 4.38 1.64
C HIS A 58 -1.67 5.50 0.63
N LEU A 59 -2.52 5.65 -0.39
CA LEU A 59 -2.41 6.73 -1.39
C LEU A 59 -2.60 8.06 -0.67
N LEU A 60 -3.61 8.15 0.24
CA LEU A 60 -3.89 9.40 0.97
C LEU A 60 -2.71 9.87 1.85
N SER A 61 -1.84 8.94 2.27
N SER A 61 -1.84 8.94 2.27
CA SER A 61 -0.64 9.26 3.03
CA SER A 61 -0.65 9.27 3.05
C SER A 61 0.32 10.17 2.26
C SER A 61 0.34 10.16 2.26
N SER A 62 0.20 10.19 0.91
CA SER A 62 1.05 10.96 0.01
C SER A 62 0.31 12.19 -0.60
N VAL A 63 -0.95 12.40 -0.21
CA VAL A 63 -1.79 13.52 -0.66
C VAL A 63 -1.90 14.51 0.49
N LYS A 64 -1.80 15.82 0.19
CA LYS A 64 -1.90 16.85 1.23
C LYS A 64 -3.02 17.83 0.95
N HIS A 65 -3.70 17.68 -0.21
CA HIS A 65 -4.84 18.51 -0.53
C HIS A 65 -5.56 17.99 -1.75
N PHE A 66 -6.89 18.14 -1.73
CA PHE A 66 -7.79 17.78 -2.79
C PHE A 66 -8.57 19.02 -3.20
N GLU A 67 -8.94 19.10 -4.48
CA GLU A 67 -9.89 20.10 -4.98
C GLU A 67 -11.06 19.29 -5.56
N LYS A 68 -12.29 19.41 -5.02
CA LYS A 68 -13.43 18.66 -5.57
C LYS A 68 -13.84 19.23 -6.93
N VAL A 69 -13.89 18.40 -7.95
CA VAL A 69 -14.21 18.80 -9.33
C VAL A 69 -15.55 18.15 -9.65
N LYS A 70 -16.53 18.93 -10.16
CA LYS A 70 -17.86 18.40 -10.53
C LYS A 70 -17.77 17.65 -11.87
N ILE A 71 -17.34 16.42 -11.81
CA ILE A 71 -17.12 15.62 -13.03
C ILE A 71 -18.38 15.19 -13.81
N LEU A 72 -19.49 14.96 -13.09
CA LEU A 72 -20.74 14.46 -13.67
C LEU A 72 -21.89 15.17 -12.97
N PRO A 73 -22.19 16.42 -13.39
CA PRO A 73 -23.32 17.17 -12.78
C PRO A 73 -24.61 16.33 -12.80
N LYS A 74 -25.32 16.27 -11.67
CA LYS A 74 -26.53 15.46 -11.47
C LYS A 74 -27.59 15.67 -12.57
N ASP A 75 -27.73 16.91 -13.07
CA ASP A 75 -28.70 17.27 -14.11
C ASP A 75 -28.48 16.55 -15.44
N ARG A 76 -27.25 16.02 -15.66
CA ARG A 76 -26.92 15.36 -16.91
C ARG A 76 -27.71 14.08 -17.11
N TRP A 77 -28.17 13.47 -16.01
CA TRP A 77 -28.90 12.20 -16.06
C TRP A 77 -30.39 12.47 -16.36
N THR A 78 -30.66 12.97 -17.57
CA THR A 78 -32.01 13.39 -17.94
C THR A 78 -33.04 12.26 -18.09
N GLN A 79 -32.60 11.03 -18.33
CA GLN A 79 -33.53 9.91 -18.50
C GLN A 79 -33.70 9.09 -17.22
N HIS A 80 -33.04 9.48 -16.13
CA HIS A 80 -33.10 8.74 -14.86
C HIS A 80 -33.52 9.66 -13.71
N THR A 81 -34.03 9.05 -12.63
CA THR A 81 -34.34 9.74 -11.40
C THR A 81 -33.03 9.82 -10.61
N THR A 82 -32.74 10.96 -10.02
CA THR A 82 -31.50 11.17 -9.30
C THR A 82 -31.73 11.62 -7.86
N THR A 83 -32.99 11.75 -7.43
CA THR A 83 -33.39 12.24 -6.10
C THR A 83 -33.33 11.16 -5.01
N GLY A 84 -33.05 9.92 -5.40
CA GLY A 84 -33.01 8.75 -4.52
C GLY A 84 -32.26 8.97 -3.23
N GLY A 85 -32.94 8.67 -2.14
CA GLY A 85 -32.38 8.80 -0.80
C GLY A 85 -32.88 7.68 0.11
N SER A 86 -32.22 7.50 1.23
CA SER A 86 -32.66 6.46 2.14
C SER A 86 -32.73 6.99 3.55
N ARG A 87 -33.51 6.31 4.41
CA ARG A 87 -33.58 6.71 5.82
C ARG A 87 -32.23 6.37 6.49
N ALA A 88 -31.40 5.47 5.86
CA ALA A 88 -30.06 5.11 6.33
C ALA A 88 -29.13 6.33 6.30
N CYS A 89 -29.41 7.30 5.41
CA CYS A 89 -28.59 8.52 5.27
C CYS A 89 -29.48 9.76 5.57
N ALA A 90 -30.46 9.64 6.52
CA ALA A 90 -31.42 10.69 6.83
C ALA A 90 -30.82 11.97 7.40
N VAL A 91 -31.36 13.12 6.97
CA VAL A 91 -30.93 14.45 7.44
C VAL A 91 -32.22 15.17 7.87
N SER A 92 -32.26 15.68 9.14
CA SER A 92 -33.42 16.39 9.68
C SER A 92 -34.73 15.62 9.47
N GLY A 93 -34.69 14.31 9.72
CA GLY A 93 -35.83 13.39 9.62
C GLY A 93 -36.31 13.08 8.22
N ASN A 94 -35.50 13.39 7.21
CA ASN A 94 -35.85 13.19 5.81
C ASN A 94 -34.83 12.26 5.15
N PRO A 95 -35.24 11.43 4.19
CA PRO A 95 -34.27 10.52 3.56
C PRO A 95 -33.30 11.32 2.71
N SER A 96 -32.03 10.94 2.77
CA SER A 96 -31.04 11.69 1.99
C SER A 96 -30.04 10.67 1.48
N PHE A 97 -28.89 11.14 1.02
CA PHE A 97 -27.89 10.29 0.45
C PHE A 97 -26.54 10.90 0.60
N PHE A 98 -25.51 10.12 0.27
CA PHE A 98 -24.12 10.59 0.27
C PHE A 98 -24.03 11.86 -0.56
N ARG A 99 -23.41 12.92 -0.01
CA ARG A 99 -23.38 14.22 -0.67
C ARG A 99 -22.68 14.26 -2.01
N ASN A 100 -21.66 13.42 -2.20
CA ASN A 100 -20.86 13.46 -3.42
C ASN A 100 -21.31 12.45 -4.44
N MET A 101 -22.37 11.67 -4.12
CA MET A 101 -22.83 10.58 -4.98
C MET A 101 -24.25 10.76 -5.50
N VAL A 102 -24.61 9.98 -6.55
CA VAL A 102 -25.96 10.06 -7.15
C VAL A 102 -26.54 8.65 -7.27
N TRP A 103 -27.71 8.42 -6.68
CA TRP A 103 -28.35 7.13 -6.80
C TRP A 103 -29.24 7.24 -8.04
N LEU A 104 -28.83 6.57 -9.14
CA LEU A 104 -29.68 6.63 -10.33
C LEU A 104 -30.77 5.56 -10.23
N THR A 105 -32.03 5.96 -10.41
CA THR A 105 -33.16 5.04 -10.45
C THR A 105 -34.06 5.25 -11.66
N GLU A 106 -35.04 4.36 -11.80
CA GLU A 106 -36.01 4.38 -12.91
C GLU A 106 -36.75 5.71 -12.96
N LYS A 107 -37.10 6.13 -14.17
CA LYS A 107 -37.91 7.34 -14.40
C LYS A 107 -38.98 6.95 -15.41
N GLY A 108 -40.23 7.25 -15.06
CA GLY A 108 -41.38 6.96 -15.92
C GLY A 108 -41.48 5.49 -16.29
N SER A 109 -41.20 4.60 -15.31
CA SER A 109 -41.26 3.14 -15.44
C SER A 109 -40.22 2.55 -16.43
N ASN A 110 -39.09 3.26 -16.63
CA ASN A 110 -38.01 2.81 -17.50
C ASN A 110 -36.66 3.13 -16.94
N TYR A 111 -35.68 2.25 -17.17
CA TYR A 111 -34.29 2.57 -16.76
C TYR A 111 -33.51 2.38 -18.07
N PRO A 112 -33.37 3.42 -18.92
CA PRO A 112 -32.60 3.23 -20.16
C PRO A 112 -31.13 3.16 -19.81
N VAL A 113 -30.31 2.79 -20.77
CA VAL A 113 -28.88 2.71 -20.51
C VAL A 113 -28.37 4.08 -20.04
N ALA A 114 -27.68 4.07 -18.90
CA ALA A 114 -27.08 5.28 -18.33
C ALA A 114 -25.62 5.34 -18.81
N LYS A 115 -25.24 6.42 -19.47
CA LYS A 115 -23.88 6.62 -19.98
C LYS A 115 -23.38 8.00 -19.59
N GLY A 116 -22.14 8.05 -19.14
CA GLY A 116 -21.52 9.29 -18.75
C GLY A 116 -20.02 9.20 -18.88
N SER A 117 -19.40 10.30 -19.23
CA SER A 117 -17.96 10.27 -19.34
C SER A 117 -17.37 11.58 -18.86
N TYR A 118 -16.09 11.53 -18.45
CA TYR A 118 -15.37 12.70 -18.01
C TYR A 118 -13.91 12.60 -18.45
N ASN A 119 -13.43 13.64 -19.13
CA ASN A 119 -12.04 13.76 -19.59
C ASN A 119 -11.26 14.58 -18.56
N ASN A 120 -10.22 13.98 -17.97
CA ASN A 120 -9.46 14.66 -16.92
C ASN A 120 -8.58 15.80 -17.45
N THR A 121 -9.22 16.95 -17.60
CA THR A 121 -8.57 18.19 -18.06
C THR A 121 -8.39 19.13 -16.84
N SER A 122 -8.41 18.54 -15.61
CA SER A 122 -8.28 19.30 -14.34
C SER A 122 -6.87 19.84 -14.01
N GLY A 123 -5.83 19.25 -14.60
CA GLY A 123 -4.44 19.65 -14.34
C GLY A 123 -3.68 18.71 -13.41
N GLU A 124 -4.36 17.73 -12.81
CA GLU A 124 -3.72 16.73 -11.94
C GLU A 124 -4.44 15.40 -11.96
N GLN A 125 -3.79 14.37 -11.39
CA GLN A 125 -4.42 13.05 -11.25
C GLN A 125 -5.67 13.23 -10.38
N MET A 126 -6.71 12.44 -10.66
CA MET A 126 -7.96 12.59 -9.92
C MET A 126 -8.43 11.27 -9.34
N LEU A 127 -8.83 11.30 -8.07
CA LEU A 127 -9.41 10.15 -7.42
C LEU A 127 -10.94 10.16 -7.73
N ILE A 128 -11.46 9.03 -8.20
CA ILE A 128 -12.87 8.91 -8.49
C ILE A 128 -13.34 7.61 -7.83
N ILE A 129 -14.52 7.67 -7.23
CA ILE A 129 -15.20 6.56 -6.54
C ILE A 129 -16.55 6.33 -7.18
N TRP A 130 -16.98 5.09 -7.29
CA TRP A 130 -18.33 4.79 -7.76
C TRP A 130 -18.82 3.59 -7.00
N GLY A 131 -20.12 3.40 -7.03
CA GLY A 131 -20.66 2.24 -6.33
C GLY A 131 -21.56 1.34 -7.13
N VAL A 132 -21.76 0.11 -6.62
CA VAL A 132 -22.69 -0.89 -7.17
C VAL A 132 -23.67 -1.23 -6.06
N HIS A 133 -24.98 -1.08 -6.36
CA HIS A 133 -26.00 -1.42 -5.39
C HIS A 133 -26.43 -2.88 -5.54
N HIS A 134 -26.29 -3.62 -4.45
CA HIS A 134 -26.61 -5.04 -4.37
C HIS A 134 -27.92 -5.15 -3.58
N PRO A 135 -29.07 -5.21 -4.24
CA PRO A 135 -30.34 -5.21 -3.48
C PRO A 135 -30.55 -6.42 -2.59
N ASN A 136 -31.53 -6.28 -1.70
CA ASN A 136 -31.90 -7.34 -0.79
C ASN A 136 -32.70 -8.45 -1.49
N ASP A 137 -33.49 -8.07 -2.51
CA ASP A 137 -34.41 -9.01 -3.20
C ASP A 137 -34.77 -8.52 -4.59
N GLU A 138 -35.39 -9.42 -5.40
CA GLU A 138 -35.76 -9.09 -6.78
C GLU A 138 -36.85 -8.04 -6.82
N THR A 139 -37.74 -8.00 -5.81
CA THR A 139 -38.76 -6.94 -5.76
C THR A 139 -38.10 -5.54 -5.69
N GLU A 140 -37.10 -5.35 -4.81
CA GLU A 140 -36.33 -4.11 -4.65
C GLU A 140 -35.60 -3.77 -5.96
N GLN A 141 -34.98 -4.80 -6.60
CA GLN A 141 -34.29 -4.61 -7.87
C GLN A 141 -35.22 -4.03 -8.91
N ARG A 142 -36.42 -4.64 -9.09
CA ARG A 142 -37.40 -4.16 -10.07
C ARG A 142 -37.94 -2.79 -9.71
N THR A 143 -38.17 -2.49 -8.41
CA THR A 143 -38.71 -1.18 -8.02
C THR A 143 -37.74 -0.04 -8.33
N LEU A 144 -36.44 -0.27 -8.12
CA LEU A 144 -35.43 0.77 -8.35
C LEU A 144 -34.97 0.81 -9.80
N TYR A 145 -34.81 -0.37 -10.43
CA TYR A 145 -34.14 -0.44 -11.74
C TYR A 145 -34.95 -1.11 -12.87
N GLN A 146 -36.26 -1.30 -12.65
CA GLN A 146 -37.19 -1.93 -13.59
C GLN A 146 -37.05 -3.43 -13.78
N ASN A 147 -35.83 -3.91 -14.07
CA ASN A 147 -35.63 -5.32 -14.33
C ASN A 147 -34.43 -5.93 -13.63
N VAL A 148 -34.48 -7.25 -13.49
CA VAL A 148 -33.40 -8.08 -12.99
C VAL A 148 -32.59 -8.40 -14.27
N GLY A 149 -31.27 -8.28 -14.21
CA GLY A 149 -30.37 -8.56 -15.32
C GLY A 149 -29.68 -7.28 -15.71
N THR A 150 -28.81 -6.77 -14.82
CA THR A 150 -28.14 -5.49 -15.04
C THR A 150 -26.61 -5.56 -14.88
N TYR A 151 -25.96 -4.51 -15.31
CA TYR A 151 -24.52 -4.39 -15.13
C TYR A 151 -24.13 -2.96 -14.82
N VAL A 152 -22.90 -2.80 -14.32
CA VAL A 152 -22.27 -1.47 -14.11
C VAL A 152 -20.86 -1.60 -14.66
N SER A 153 -20.57 -0.85 -15.72
CA SER A 153 -19.24 -0.85 -16.35
C SER A 153 -18.54 0.47 -16.16
N VAL A 154 -17.29 0.42 -15.70
CA VAL A 154 -16.46 1.64 -15.57
C VAL A 154 -15.15 1.37 -16.25
N GLY A 155 -14.70 2.29 -17.08
CA GLY A 155 -13.46 2.07 -17.77
C GLY A 155 -12.64 3.32 -17.97
N THR A 156 -11.33 3.14 -17.95
CA THR A 156 -10.37 4.20 -18.22
C THR A 156 -9.28 3.46 -19.03
N SER A 157 -8.16 4.13 -19.27
CA SER A 157 -7.07 3.51 -20.02
CA SER A 157 -7.06 3.53 -20.02
C SER A 157 -6.35 2.48 -19.16
N THR A 158 -6.55 2.55 -17.82
CA THR A 158 -5.92 1.60 -16.89
C THR A 158 -6.93 0.72 -16.09
N LEU A 159 -8.22 0.91 -16.31
CA LEU A 159 -9.27 0.20 -15.58
C LEU A 159 -10.35 -0.34 -16.54
N ASN A 160 -10.86 -1.54 -16.27
CA ASN A 160 -11.97 -2.12 -16.99
C ASN A 160 -12.74 -2.98 -15.98
N LYS A 161 -13.69 -2.39 -15.26
CA LYS A 161 -14.43 -3.13 -14.26
C LYS A 161 -15.88 -3.18 -14.71
N ARG A 162 -16.43 -4.40 -14.85
CA ARG A 162 -17.79 -4.57 -15.31
C ARG A 162 -18.47 -5.55 -14.34
N SER A 163 -19.22 -4.98 -13.37
CA SER A 163 -19.86 -5.62 -12.26
C SER A 163 -21.33 -6.00 -12.52
N THR A 164 -21.74 -7.04 -11.85
CA THR A 164 -23.10 -7.56 -11.89
C THR A 164 -23.59 -7.44 -10.42
N PRO A 165 -24.77 -6.89 -10.18
CA PRO A 165 -25.30 -6.84 -8.81
C PRO A 165 -25.63 -8.21 -8.26
N GLU A 166 -25.46 -8.35 -6.98
CA GLU A 166 -25.78 -9.60 -6.26
C GLU A 166 -27.07 -9.33 -5.49
N ILE A 167 -28.13 -10.08 -5.81
CA ILE A 167 -29.40 -9.88 -5.11
C ILE A 167 -29.46 -10.92 -3.98
N ALA A 168 -29.50 -10.50 -2.72
CA ALA A 168 -29.49 -11.50 -1.67
C ALA A 168 -30.08 -10.96 -0.41
N THR A 169 -30.84 -11.78 0.35
CA THR A 169 -31.38 -11.35 1.63
C THR A 169 -30.22 -11.26 2.59
N ARG A 170 -30.15 -10.17 3.36
CA ARG A 170 -29.07 -10.02 4.32
C ARG A 170 -29.67 -9.49 5.59
N PRO A 171 -29.01 -9.71 6.73
CA PRO A 171 -29.48 -9.06 7.97
C PRO A 171 -29.50 -7.54 7.82
N LYS A 172 -30.52 -6.89 8.40
CA LYS A 172 -30.60 -5.44 8.27
C LYS A 172 -29.44 -4.77 8.98
N VAL A 173 -28.82 -3.82 8.31
CA VAL A 173 -27.81 -2.95 8.97
C VAL A 173 -28.25 -1.54 8.58
N ASN A 174 -28.40 -0.64 9.58
CA ASN A 174 -28.88 0.73 9.28
C ASN A 174 -30.23 0.68 8.56
N GLY A 175 -31.04 -0.31 8.92
CA GLY A 175 -32.38 -0.51 8.37
C GLY A 175 -32.48 -1.14 7.00
N GLN A 176 -31.32 -1.55 6.38
CA GLN A 176 -31.25 -2.08 5.02
C GLN A 176 -30.61 -3.46 4.87
N GLY A 177 -31.23 -4.32 4.04
CA GLY A 177 -30.67 -5.60 3.62
C GLY A 177 -29.85 -5.44 2.34
N GLY A 178 -30.07 -4.37 1.60
CA GLY A 178 -29.24 -4.05 0.45
C GLY A 178 -27.85 -3.60 0.88
N ARG A 179 -26.90 -3.61 -0.04
CA ARG A 179 -25.56 -3.12 0.29
C ARG A 179 -25.02 -2.36 -0.91
N MET A 180 -24.15 -1.38 -0.67
CA MET A 180 -23.52 -0.65 -1.78
C MET A 180 -22.03 -0.96 -1.71
N GLU A 181 -21.46 -1.44 -2.82
CA GLU A 181 -20.03 -1.81 -2.84
C GLU A 181 -19.33 -0.70 -3.64
N PHE A 182 -18.43 -0.02 -2.96
CA PHE A 182 -17.73 1.10 -3.62
C PHE A 182 -16.35 0.69 -4.08
N SER A 183 -15.90 1.29 -5.16
CA SER A 183 -14.55 1.05 -5.72
C SER A 183 -13.98 2.42 -6.09
N TRP A 184 -12.68 2.46 -6.31
CA TRP A 184 -12.01 3.71 -6.62
C TRP A 184 -10.96 3.50 -7.66
N THR A 185 -10.61 4.60 -8.35
CA THR A 185 -9.54 4.58 -9.33
C THR A 185 -8.90 5.95 -9.33
N LEU A 186 -7.72 5.98 -9.85
CA LEU A 186 -6.99 7.19 -10.09
C LEU A 186 -7.00 7.42 -11.60
N LEU A 187 -7.62 8.53 -12.01
CA LEU A 187 -7.74 8.89 -13.42
C LEU A 187 -6.60 9.81 -13.80
N ASP A 188 -5.71 9.34 -14.67
CA ASP A 188 -4.54 10.13 -15.04
C ASP A 188 -4.94 11.42 -15.76
N MET A 189 -4.03 12.40 -15.81
CA MET A 189 -4.29 13.62 -16.56
C MET A 189 -4.52 13.24 -18.03
N TRP A 190 -5.51 13.88 -18.68
CA TRP A 190 -5.87 13.71 -20.10
C TRP A 190 -6.54 12.37 -20.42
N ASP A 191 -6.74 11.51 -19.39
CA ASP A 191 -7.45 10.27 -19.62
C ASP A 191 -8.95 10.48 -19.40
N THR A 192 -9.78 9.59 -19.95
CA THR A 192 -11.23 9.65 -19.81
C THR A 192 -11.78 8.44 -19.03
N ILE A 193 -12.66 8.69 -18.07
CA ILE A 193 -13.40 7.66 -17.40
C ILE A 193 -14.76 7.56 -18.10
N ASN A 194 -15.23 6.31 -18.39
CA ASN A 194 -16.53 6.11 -19.01
C ASN A 194 -17.35 5.23 -18.13
N PHE A 195 -18.61 5.60 -17.93
CA PHE A 195 -19.57 4.84 -17.12
C PHE A 195 -20.71 4.40 -18.00
N GLU A 196 -21.13 3.13 -17.85
CA GLU A 196 -22.27 2.60 -18.57
C GLU A 196 -22.96 1.67 -17.64
N SER A 197 -24.27 1.78 -17.53
CA SER A 197 -24.97 0.86 -16.63
C SER A 197 -26.39 0.73 -17.07
N THR A 198 -26.93 -0.48 -16.91
CA THR A 198 -28.33 -0.79 -17.16
C THR A 198 -29.10 -0.87 -15.85
N GLY A 199 -28.43 -0.53 -14.75
CA GLY A 199 -29.03 -0.49 -13.41
C GLY A 199 -27.98 -0.70 -12.36
N ASN A 200 -28.26 -0.20 -11.14
CA ASN A 200 -27.46 -0.45 -9.94
C ASN A 200 -26.23 0.42 -9.76
N LEU A 201 -26.07 1.45 -10.60
CA LEU A 201 -24.91 2.32 -10.53
C LEU A 201 -25.20 3.42 -9.51
N ILE A 202 -24.22 3.63 -8.62
CA ILE A 202 -24.15 4.76 -7.69
C ILE A 202 -23.03 5.61 -8.28
N ALA A 203 -23.38 6.62 -9.04
CA ALA A 203 -22.41 7.43 -9.75
C ALA A 203 -21.80 8.50 -8.87
N PRO A 204 -20.53 8.88 -9.10
CA PRO A 204 -20.00 10.03 -8.38
C PRO A 204 -20.55 11.27 -9.07
N GLU A 205 -20.74 12.36 -8.32
CA GLU A 205 -20.99 13.65 -8.99
C GLU A 205 -19.63 14.43 -9.03
N TYR A 206 -18.72 14.10 -8.12
CA TYR A 206 -17.45 14.78 -8.00
C TYR A 206 -16.32 13.80 -8.06
N GLY A 207 -15.17 14.34 -8.45
CA GLY A 207 -13.87 13.68 -8.38
C GLY A 207 -12.98 14.54 -7.51
N PHE A 208 -11.91 13.97 -6.98
CA PHE A 208 -11.04 14.69 -6.08
C PHE A 208 -9.69 14.82 -6.79
N LYS A 209 -9.43 16.02 -7.31
CA LYS A 209 -8.15 16.33 -7.95
C LYS A 209 -7.07 16.42 -6.87
N ILE A 210 -5.99 15.71 -7.05
CA ILE A 210 -4.88 15.74 -6.09
C ILE A 210 -4.14 17.08 -6.30
N SER A 211 -4.41 18.07 -5.45
CA SER A 211 -3.83 19.41 -5.65
C SER A 211 -2.50 19.61 -4.94
N LYS A 212 -2.21 18.81 -3.90
CA LYS A 212 -0.94 18.91 -3.22
C LYS A 212 -0.50 17.54 -2.84
N ARG A 213 0.78 17.26 -3.10
CA ARG A 213 1.40 15.98 -2.77
C ARG A 213 2.47 16.22 -1.75
N GLY A 214 2.71 15.24 -0.88
CA GLY A 214 3.76 15.36 0.13
C GLY A 214 3.76 14.23 1.13
N SER A 215 4.86 14.10 1.87
CA SER A 215 4.96 13.06 2.86
C SER A 215 4.59 13.54 4.26
N SER A 216 3.96 12.63 5.02
CA SER A 216 3.53 12.54 6.42
C SER A 216 2.44 11.49 6.55
N GLY A 217 1.20 11.77 6.10
CA GLY A 217 0.24 10.67 6.08
C GLY A 217 -1.09 10.62 6.78
N ILE A 218 -1.35 9.44 7.39
CA ILE A 218 -2.56 9.13 8.15
C ILE A 218 -2.15 8.51 9.48
N MET A 219 -2.53 9.15 10.58
CA MET A 219 -2.32 8.67 11.94
C MET A 219 -3.55 7.82 12.28
N GLY B 1 1.94 8.81 26.91
CA GLY B 1 1.91 7.39 26.57
C GLY B 1 3.18 6.91 25.90
N ILE B 2 3.07 5.81 25.15
CA ILE B 2 4.18 5.21 24.40
C ILE B 2 4.75 6.24 23.43
N PRO B 3 6.07 6.46 23.45
CA PRO B 3 6.65 7.46 22.53
C PRO B 3 6.79 7.00 21.07
N PRO B 4 6.90 7.95 20.12
CA PRO B 4 7.16 7.57 18.73
C PRO B 4 8.58 7.06 18.56
N LEU B 5 8.84 6.39 17.41
CA LEU B 5 10.16 5.96 17.02
C LEU B 5 10.63 7.04 16.04
N GLU B 6 11.60 7.87 16.44
CA GLU B 6 12.09 8.96 15.58
C GLU B 6 13.32 8.42 14.88
N LEU B 7 13.28 8.31 13.56
CA LEU B 7 14.40 7.75 12.81
C LEU B 7 15.53 8.74 12.59
N GLY B 8 15.34 10.01 12.89
CA GLY B 8 16.41 10.97 12.66
C GLY B 8 16.74 11.04 11.18
N ASP B 9 18.02 10.88 10.87
CA ASP B 9 18.53 10.92 9.50
C ASP B 9 18.48 9.54 8.83
N CYS B 10 17.94 8.54 9.55
CA CYS B 10 17.90 7.16 9.09
C CYS B 10 16.61 6.82 8.29
N SER B 11 16.74 6.02 7.22
CA SER B 11 15.55 5.62 6.45
C SER B 11 15.02 4.28 6.99
N ILE B 12 13.80 3.91 6.61
CA ILE B 12 13.29 2.58 7.00
C ILE B 12 14.29 1.50 6.53
N ALA B 13 14.78 1.59 5.28
CA ALA B 13 15.78 0.62 4.78
C ALA B 13 17.07 0.60 5.63
N GLY B 14 17.58 1.76 5.99
CA GLY B 14 18.78 1.91 6.79
C GLY B 14 18.62 1.22 8.14
N TRP B 15 17.46 1.44 8.77
CA TRP B 15 17.15 0.84 10.06
C TRP B 15 17.08 -0.72 9.98
N LEU B 16 16.27 -1.25 9.06
CA LEU B 16 16.06 -2.70 8.97
C LEU B 16 17.26 -3.47 8.46
N LEU B 17 18.03 -2.88 7.54
CA LEU B 17 19.26 -3.53 7.08
C LEU B 17 20.38 -3.39 8.11
N GLY B 18 20.35 -2.30 8.92
CA GLY B 18 21.40 -2.04 9.90
C GLY B 18 22.54 -1.23 9.32
N ASN B 19 22.22 -0.15 8.61
CA ASN B 19 23.28 0.72 8.10
C ASN B 19 24.08 1.12 9.37
N PRO B 20 25.41 1.02 9.42
CA PRO B 20 26.13 1.38 10.67
C PRO B 20 25.88 2.80 11.21
N GLU B 21 25.53 3.71 10.30
CA GLU B 21 25.21 5.07 10.75
C GLU B 21 23.90 5.06 11.57
N CYS B 22 23.20 3.95 11.55
CA CYS B 22 21.91 3.78 12.24
C CYS B 22 22.03 2.88 13.45
N ASP B 23 23.27 2.71 13.97
CA ASP B 23 23.50 1.85 15.16
C ASP B 23 22.68 2.19 16.40
N ARG B 24 22.28 3.45 16.55
CA ARG B 24 21.44 3.82 17.71
C ARG B 24 20.08 3.10 17.68
N LEU B 25 19.69 2.59 16.48
CA LEU B 25 18.42 1.91 16.24
C LEU B 25 18.51 0.39 16.23
N LEU B 26 19.65 -0.19 16.70
CA LEU B 26 19.78 -1.65 16.65
C LEU B 26 18.78 -2.42 17.51
N SER B 27 18.27 -1.79 18.57
CA SER B 27 17.26 -2.41 19.44
C SER B 27 16.34 -1.29 19.87
N VAL B 28 15.04 -1.38 19.49
CA VAL B 28 14.13 -0.30 19.83
C VAL B 28 12.89 -0.85 20.54
N PRO B 29 12.36 -0.10 21.52
CA PRO B 29 11.17 -0.59 22.24
C PRO B 29 9.91 -0.31 21.40
N GLU B 30 8.74 -0.67 21.97
CA GLU B 30 7.47 -0.45 21.30
C GLU B 30 7.28 1.04 21.02
N TRP B 31 6.70 1.37 19.87
CA TRP B 31 6.48 2.77 19.47
C TRP B 31 5.02 3.08 19.23
N SER B 32 4.64 4.39 19.22
CA SER B 32 3.25 4.81 18.95
C SER B 32 3.07 5.01 17.44
N TYR B 33 4.13 5.49 16.77
CA TYR B 33 4.24 5.67 15.31
C TYR B 33 5.69 5.89 14.95
N ILE B 34 6.01 5.78 13.67
CA ILE B 34 7.38 5.95 13.17
C ILE B 34 7.46 7.32 12.49
N MET B 35 8.48 8.14 12.87
CA MET B 35 8.72 9.46 12.27
C MET B 35 9.91 9.35 11.34
N GLU B 36 9.69 9.58 10.02
CA GLU B 36 10.74 9.51 9.02
C GLU B 36 10.84 10.84 8.24
N LYS B 37 12.07 11.30 7.94
CA LYS B 37 12.26 12.54 7.15
C LYS B 37 11.85 12.29 5.69
N GLU B 38 11.52 13.36 4.93
CA GLU B 38 11.12 13.26 3.52
C GLU B 38 12.25 12.64 2.68
N ASN B 39 13.51 13.09 2.92
CA ASN B 39 14.66 12.56 2.20
C ASN B 39 15.76 12.17 3.23
N PRO B 40 15.63 10.99 3.89
CA PRO B 40 16.65 10.60 4.89
C PRO B 40 18.02 10.38 4.25
N ARG B 41 19.08 10.80 4.93
CA ARG B 41 20.40 10.63 4.34
C ARG B 41 21.04 9.28 4.54
N ASP B 42 20.72 8.59 5.64
CA ASP B 42 21.34 7.29 5.93
C ASP B 42 20.42 6.13 5.57
N GLY B 43 20.65 5.60 4.39
CA GLY B 43 19.88 4.49 3.85
C GLY B 43 20.75 3.33 3.43
N LEU B 44 20.80 3.14 2.16
CA LEU B 44 21.61 2.09 1.58
C LEU B 44 23.03 2.63 1.45
N CYS B 45 23.89 2.41 2.47
CA CYS B 45 25.32 2.79 2.46
C CYS B 45 26.02 2.16 1.24
N TYR B 46 25.79 0.86 1.00
CA TYR B 46 26.24 0.25 -0.26
C TYR B 46 25.06 0.54 -1.18
N PRO B 47 25.27 1.23 -2.34
CA PRO B 47 24.12 1.70 -3.12
C PRO B 47 23.27 0.60 -3.73
N GLY B 48 22.01 0.91 -3.98
CA GLY B 48 21.13 -0.05 -4.63
C GLY B 48 19.69 0.35 -4.58
N SER B 49 18.82 -0.65 -4.36
CA SER B 49 17.40 -0.41 -4.38
C SER B 49 16.71 -1.32 -3.43
N PHE B 50 15.42 -1.04 -3.18
CA PHE B 50 14.64 -1.83 -2.28
C PHE B 50 13.30 -2.06 -2.96
N ASN B 51 12.99 -3.33 -3.29
CA ASN B 51 11.76 -3.69 -4.00
C ASN B 51 10.57 -3.55 -3.12
N ASP B 52 9.44 -3.04 -3.69
CA ASP B 52 8.16 -2.86 -2.99
C ASP B 52 8.35 -2.11 -1.66
N TYR B 53 9.14 -1.04 -1.73
CA TYR B 53 9.54 -0.26 -0.55
C TYR B 53 8.36 0.49 0.05
N GLU B 54 7.53 1.08 -0.80
CA GLU B 54 6.31 1.77 -0.34
C GLU B 54 5.37 0.81 0.35
N GLU B 55 5.26 -0.41 -0.17
CA GLU B 55 4.43 -1.47 0.39
C GLU B 55 4.93 -1.88 1.79
N LEU B 56 6.27 -1.91 1.99
CA LEU B 56 6.84 -2.22 3.31
C LEU B 56 6.48 -1.10 4.29
N LYS B 57 6.60 0.15 3.83
CA LYS B 57 6.24 1.30 4.66
C LYS B 57 4.76 1.22 5.05
N HIS B 58 3.91 0.74 4.13
CA HIS B 58 2.49 0.56 4.47
C HIS B 58 2.30 -0.52 5.53
N LEU B 59 3.05 -1.63 5.47
CA LEU B 59 2.94 -2.68 6.48
C LEU B 59 3.38 -2.13 7.82
N LEU B 60 4.47 -1.33 7.84
CA LEU B 60 4.97 -0.72 9.07
C LEU B 60 3.96 0.19 9.78
N SER B 61 3.00 0.73 9.03
N SER B 61 3.00 0.75 9.04
CA SER B 61 1.94 1.56 9.59
CA SER B 61 1.94 1.57 9.61
C SER B 61 1.04 0.79 10.57
C SER B 61 1.04 0.79 10.58
N SER B 62 1.03 -0.56 10.47
CA SER B 62 0.21 -1.44 11.33
C SER B 62 1.06 -2.23 12.35
N VAL B 63 2.37 -2.00 12.34
CA VAL B 63 3.31 -2.66 13.26
C VAL B 63 3.70 -1.65 14.30
N LYS B 64 3.73 -2.06 15.58
CA LYS B 64 4.14 -1.19 16.71
C LYS B 64 5.36 -1.70 17.47
N HIS B 65 5.88 -2.90 17.12
CA HIS B 65 7.07 -3.42 17.76
C HIS B 65 7.55 -4.62 17.01
N PHE B 66 8.88 -4.75 16.93
CA PHE B 66 9.54 -5.89 16.35
C PHE B 66 10.44 -6.50 17.40
N GLU B 67 10.62 -7.81 17.34
CA GLU B 67 11.65 -8.48 18.15
C GLU B 67 12.61 -9.06 17.12
N LYS B 68 13.88 -8.67 17.14
CA LYS B 68 14.88 -9.24 16.21
C LYS B 68 15.18 -10.68 16.63
N VAL B 69 15.11 -11.60 15.69
CA VAL B 69 15.31 -13.06 15.89
C VAL B 69 16.48 -13.54 15.01
N LYS B 70 17.49 -14.26 15.58
CA LYS B 70 18.58 -14.75 14.74
C LYS B 70 18.11 -15.99 13.98
N ILE B 71 17.80 -15.83 12.70
CA ILE B 71 17.26 -16.89 11.82
C ILE B 71 18.34 -17.65 11.08
N LEU B 72 19.42 -16.97 10.72
CA LEU B 72 20.51 -17.60 9.98
C LEU B 72 21.85 -17.15 10.59
N PRO B 73 22.26 -17.74 11.74
CA PRO B 73 23.54 -17.33 12.36
C PRO B 73 24.70 -17.39 11.37
N LYS B 74 25.53 -16.33 11.29
CA LYS B 74 26.72 -16.22 10.41
C LYS B 74 27.62 -17.46 10.49
N ASP B 75 27.69 -18.10 11.70
CA ASP B 75 28.52 -19.29 11.92
C ASP B 75 28.15 -20.50 11.06
N ARG B 76 26.92 -20.52 10.51
CA ARG B 76 26.49 -21.65 9.69
C ARG B 76 27.22 -21.72 8.33
N TRP B 77 27.81 -20.61 7.87
CA TRP B 77 28.43 -20.53 6.56
C TRP B 77 29.89 -20.92 6.59
N THR B 78 30.15 -22.20 6.80
CA THR B 78 31.52 -22.72 6.92
C THR B 78 32.27 -22.83 5.62
N GLN B 79 31.59 -22.75 4.46
CA GLN B 79 32.29 -22.90 3.17
C GLN B 79 32.33 -21.61 2.39
N HIS B 80 31.89 -20.51 3.02
CA HIS B 80 31.91 -19.22 2.36
C HIS B 80 32.61 -18.23 3.30
N THR B 81 33.14 -17.15 2.74
CA THR B 81 33.66 -16.04 3.55
C THR B 81 32.43 -15.19 3.93
N THR B 82 32.36 -14.73 5.22
CA THR B 82 31.26 -13.91 5.68
C THR B 82 31.69 -12.53 6.24
N THR B 83 32.98 -12.21 6.17
CA THR B 83 33.57 -10.97 6.72
C THR B 83 33.49 -9.77 5.76
N GLY B 84 32.95 -10.01 4.57
CA GLY B 84 32.88 -9.03 3.49
C GLY B 84 32.33 -7.70 3.96
N GLY B 85 33.10 -6.66 3.72
CA GLY B 85 32.75 -5.28 4.05
C GLY B 85 33.16 -4.34 2.94
N SER B 86 32.60 -3.13 2.95
CA SER B 86 32.93 -2.14 1.91
C SER B 86 33.24 -0.79 2.55
N ARG B 87 34.04 0.05 1.83
CA ARG B 87 34.32 1.40 2.34
C ARG B 87 32.99 2.20 2.25
N ALA B 88 32.01 1.69 1.50
CA ALA B 88 30.70 2.33 1.41
C ALA B 88 29.95 2.26 2.74
N CYS B 89 30.26 1.27 3.61
CA CYS B 89 29.61 1.10 4.93
C CYS B 89 30.69 1.21 6.03
N ALA B 90 31.65 2.13 5.86
CA ALA B 90 32.80 2.28 6.74
C ALA B 90 32.48 2.65 8.19
N VAL B 91 33.17 2.00 9.15
CA VAL B 91 33.03 2.25 10.59
C VAL B 91 34.43 2.40 11.22
N SER B 92 34.68 3.56 11.89
CA SER B 92 35.97 3.91 12.50
C SER B 92 37.14 3.71 11.52
N GLY B 93 36.94 4.17 10.28
CA GLY B 93 37.92 4.12 9.20
C GLY B 93 38.18 2.77 8.55
N ASN B 94 37.33 1.77 8.84
CA ASN B 94 37.51 0.44 8.30
C ASN B 94 36.27 -0.01 7.53
N PRO B 95 36.45 -0.86 6.48
CA PRO B 95 35.31 -1.37 5.73
C PRO B 95 34.40 -2.16 6.63
N SER B 96 33.10 -1.97 6.49
CA SER B 96 32.14 -2.71 7.30
C SER B 96 30.92 -3.07 6.46
N PHE B 97 29.83 -3.49 7.08
CA PHE B 97 28.65 -3.86 6.34
C PHE B 97 27.43 -3.68 7.17
N PHE B 98 26.28 -3.74 6.53
CA PHE B 98 24.94 -3.70 7.16
C PHE B 98 24.93 -4.67 8.33
N ARG B 99 24.52 -4.23 9.52
CA ARG B 99 24.60 -5.04 10.74
C ARG B 99 23.75 -6.26 10.75
N ASN B 100 22.66 -6.24 10.01
CA ASN B 100 21.73 -7.34 10.06
C ASN B 100 21.91 -8.34 8.92
N MET B 101 22.85 -8.04 7.98
CA MET B 101 23.03 -8.79 6.74
C MET B 101 24.39 -9.46 6.69
N VAL B 102 24.57 -10.46 5.82
CA VAL B 102 25.83 -11.22 5.67
C VAL B 102 26.17 -11.22 4.21
N TRP B 103 27.36 -10.76 3.87
CA TRP B 103 27.79 -10.76 2.48
C TRP B 103 28.57 -12.06 2.27
N LEU B 104 27.96 -13.05 1.59
CA LEU B 104 28.66 -14.31 1.35
C LEU B 104 29.56 -14.16 0.13
N THR B 105 30.84 -14.49 0.30
CA THR B 105 31.77 -14.44 -0.81
C THR B 105 32.57 -15.71 -0.85
N GLU B 106 33.36 -15.85 -1.90
CA GLU B 106 34.17 -17.05 -2.07
C GLU B 106 35.14 -17.31 -0.94
N LYS B 107 35.48 -18.58 -0.75
CA LYS B 107 36.42 -19.01 0.26
C LYS B 107 37.36 -19.99 -0.46
N GLY B 108 38.65 -19.72 -0.38
CA GLY B 108 39.68 -20.54 -1.01
C GLY B 108 39.47 -20.75 -2.49
N SER B 109 39.07 -19.67 -3.20
CA SER B 109 38.80 -19.65 -4.64
C SER B 109 37.63 -20.55 -5.04
N ASN B 110 36.61 -20.69 -4.15
CA ASN B 110 35.43 -21.48 -4.45
C ASN B 110 34.22 -20.86 -3.83
N TYR B 111 33.08 -20.99 -4.51
CA TYR B 111 31.80 -20.54 -3.98
C TYR B 111 30.85 -21.75 -4.15
N PRO B 112 30.74 -22.68 -3.18
CA PRO B 112 29.82 -23.80 -3.40
C PRO B 112 28.38 -23.32 -3.22
N VAL B 113 27.39 -24.15 -3.58
CA VAL B 113 26.02 -23.71 -3.41
C VAL B 113 25.77 -23.40 -1.95
N ALA B 114 25.19 -22.24 -1.70
CA ALA B 114 24.83 -21.75 -0.36
C ALA B 114 23.37 -22.08 -0.15
N LYS B 115 23.06 -22.83 0.90
CA LYS B 115 21.70 -23.23 1.24
C LYS B 115 21.43 -22.96 2.70
N GLY B 116 20.26 -22.45 2.99
CA GLY B 116 19.85 -22.18 4.36
C GLY B 116 18.36 -22.12 4.43
N SER B 117 17.80 -22.56 5.52
CA SER B 117 16.37 -22.51 5.70
C SER B 117 16.01 -22.16 7.13
N TYR B 118 14.82 -21.60 7.33
CA TYR B 118 14.36 -21.26 8.68
C TYR B 118 12.85 -21.50 8.77
N ASN B 119 12.42 -22.29 9.75
CA ASN B 119 11.00 -22.55 9.99
C ASN B 119 10.56 -21.53 11.03
N ASN B 120 9.51 -20.74 10.74
CA ASN B 120 9.07 -19.71 11.65
C ASN B 120 8.33 -20.28 12.86
N THR B 121 9.09 -20.64 13.90
CA THR B 121 8.51 -21.12 15.15
C THR B 121 8.51 -19.97 16.22
N SER B 122 8.77 -18.70 15.80
CA SER B 122 8.84 -17.52 16.69
C SER B 122 7.56 -17.17 17.44
N GLY B 123 6.40 -17.61 16.93
CA GLY B 123 5.12 -17.29 17.56
C GLY B 123 4.34 -16.18 16.87
N GLU B 124 4.94 -15.54 15.86
CA GLU B 124 4.26 -14.52 15.06
C GLU B 124 4.83 -14.45 13.64
N GLN B 125 4.13 -13.73 12.74
CA GLN B 125 4.62 -13.48 11.38
C GLN B 125 5.96 -12.75 11.50
N MET B 126 6.87 -13.00 10.55
CA MET B 126 8.17 -12.40 10.61
C MET B 126 8.52 -11.72 9.30
N LEU B 127 9.03 -10.50 9.38
CA LEU B 127 9.54 -9.77 8.22
C LEU B 127 11.01 -10.24 7.97
N ILE B 128 11.34 -10.61 6.70
CA ILE B 128 12.67 -11.06 6.33
C ILE B 128 13.08 -10.34 5.06
N ILE B 129 14.30 -9.82 5.07
CA ILE B 129 14.85 -9.08 3.94
C ILE B 129 16.09 -9.82 3.40
N TRP B 130 16.32 -9.83 2.09
CA TRP B 130 17.55 -10.41 1.51
C TRP B 130 17.94 -9.54 0.35
N GLY B 131 19.20 -9.63 -0.06
CA GLY B 131 19.61 -8.88 -1.21
C GLY B 131 20.27 -9.72 -2.29
N VAL B 132 20.37 -9.12 -3.48
CA VAL B 132 21.09 -9.64 -4.64
C VAL B 132 22.11 -8.53 -4.99
N HIS B 133 23.39 -8.94 -5.09
CA HIS B 133 24.42 -8.00 -5.50
C HIS B 133 24.58 -8.04 -7.03
N HIS B 134 24.50 -6.84 -7.63
CA HIS B 134 24.62 -6.65 -9.09
C HIS B 134 25.99 -6.02 -9.34
N PRO B 135 27.06 -6.78 -9.60
CA PRO B 135 28.38 -6.16 -9.73
C PRO B 135 28.55 -5.19 -10.87
N ASN B 136 29.62 -4.42 -10.76
CA ASN B 136 30.02 -3.42 -11.76
C ASN B 136 30.57 -4.07 -13.07
N ASP B 137 31.27 -5.21 -12.94
CA ASP B 137 31.97 -5.84 -14.07
C ASP B 137 32.21 -7.31 -13.83
N GLU B 138 32.55 -8.08 -14.88
CA GLU B 138 32.75 -9.51 -14.73
C GLU B 138 33.95 -9.86 -13.84
N THR B 139 34.96 -8.97 -13.82
CA THR B 139 36.13 -9.13 -12.95
C THR B 139 35.68 -9.12 -11.48
N GLU B 140 34.79 -8.16 -11.09
CA GLU B 140 34.25 -8.08 -9.73
C GLU B 140 33.45 -9.33 -9.40
N GLN B 141 32.64 -9.79 -10.35
CA GLN B 141 31.83 -11.00 -10.17
C GLN B 141 32.74 -12.19 -9.83
N ARG B 142 33.83 -12.36 -10.59
CA ARG B 142 34.75 -13.47 -10.37
C ARG B 142 35.51 -13.35 -9.06
N THR B 143 35.90 -12.14 -8.70
CA THR B 143 36.64 -11.92 -7.45
C THR B 143 35.79 -12.28 -6.25
N LEU B 144 34.53 -11.89 -6.27
CA LEU B 144 33.66 -12.12 -5.13
C LEU B 144 33.06 -13.50 -5.12
N TYR B 145 32.63 -14.01 -6.29
CA TYR B 145 31.83 -15.24 -6.39
C TYR B 145 32.37 -16.33 -7.31
N GLN B 146 33.66 -16.21 -7.73
CA GLN B 146 34.36 -17.17 -8.57
C GLN B 146 33.98 -17.25 -10.05
N ASN B 147 32.68 -17.29 -10.36
CA ASN B 147 32.25 -17.42 -11.75
C ASN B 147 31.08 -16.54 -12.10
N VAL B 148 30.94 -16.26 -13.40
CA VAL B 148 29.81 -15.57 -13.97
C VAL B 148 28.79 -16.70 -14.22
N GLY B 149 27.53 -16.43 -13.92
CA GLY B 149 26.46 -17.38 -14.16
C GLY B 149 25.99 -17.94 -12.84
N THR B 150 25.30 -17.12 -12.08
CA THR B 150 24.82 -17.46 -10.72
C THR B 150 23.32 -17.12 -10.60
N TYR B 151 22.73 -17.56 -9.52
CA TYR B 151 21.34 -17.24 -9.18
C TYR B 151 21.17 -17.06 -7.69
N VAL B 152 20.09 -16.37 -7.29
CA VAL B 152 19.70 -16.24 -5.88
C VAL B 152 18.24 -16.66 -5.87
N SER B 153 17.93 -17.76 -5.18
CA SER B 153 16.55 -18.25 -5.08
CA SER B 153 16.55 -18.24 -5.09
C SER B 153 16.03 -18.22 -3.65
N VAL B 154 14.85 -17.64 -3.44
CA VAL B 154 14.23 -17.54 -2.11
C VAL B 154 12.80 -18.03 -2.23
N GLY B 155 12.38 -18.93 -1.36
CA GLY B 155 11.03 -19.43 -1.45
C GLY B 155 10.37 -19.69 -0.12
N THR B 156 9.03 -19.52 -0.08
CA THR B 156 8.24 -19.87 1.07
C THR B 156 6.97 -20.45 0.44
N SER B 157 5.96 -20.73 1.26
CA SER B 157 4.71 -21.26 0.71
CA SER B 157 4.70 -21.26 0.72
C SER B 157 4.02 -20.20 -0.17
N THR B 158 4.36 -18.88 0.01
CA THR B 158 3.71 -17.79 -0.75
C THR B 158 4.65 -16.97 -1.66
N LEU B 159 5.95 -17.35 -1.72
CA LEU B 159 6.97 -16.64 -2.44
C LEU B 159 7.83 -17.63 -3.24
N ASN B 160 8.21 -17.25 -4.45
CA ASN B 160 9.11 -18.04 -5.30
C ASN B 160 9.87 -17.04 -6.15
N LYS B 161 11.00 -16.50 -5.61
CA LYS B 161 11.75 -15.47 -6.35
C LYS B 161 13.10 -16.03 -6.68
N ARG B 162 13.43 -16.11 -7.99
CA ARG B 162 14.71 -16.69 -8.41
C ARG B 162 15.39 -15.68 -9.38
N SER B 163 16.31 -14.86 -8.82
CA SER B 163 16.98 -13.76 -9.47
C SER B 163 18.29 -14.13 -10.07
N THR B 164 18.65 -13.34 -11.08
CA THR B 164 19.92 -13.45 -11.73
C THR B 164 20.59 -12.07 -11.57
N PRO B 165 21.86 -12.01 -11.16
CA PRO B 165 22.55 -10.70 -11.05
C PRO B 165 22.76 -10.01 -12.38
N GLU B 166 22.75 -8.68 -12.35
CA GLU B 166 22.96 -7.86 -13.56
C GLU B 166 24.35 -7.22 -13.51
N ILE B 167 25.27 -7.63 -14.39
CA ILE B 167 26.63 -7.08 -14.38
C ILE B 167 26.68 -5.91 -15.34
N ALA B 168 26.93 -4.69 -14.81
CA ALA B 168 26.92 -3.53 -15.65
C ALA B 168 27.71 -2.42 -15.03
N THR B 169 28.47 -1.66 -15.87
CA THR B 169 29.21 -0.52 -15.38
C THR B 169 28.20 0.52 -15.00
N ARG B 170 28.38 1.17 -13.87
CA ARG B 170 27.46 2.22 -13.46
C ARG B 170 28.26 3.35 -12.86
N PRO B 171 27.69 4.57 -12.86
CA PRO B 171 28.41 5.68 -12.18
C PRO B 171 28.67 5.35 -10.70
N LYS B 172 29.84 5.75 -10.19
CA LYS B 172 30.08 5.39 -8.80
C LYS B 172 29.14 6.14 -7.89
N VAL B 173 28.54 5.42 -6.95
CA VAL B 173 27.76 6.08 -5.88
C VAL B 173 28.32 5.50 -4.62
N ASN B 174 28.69 6.38 -3.65
CA ASN B 174 29.31 5.90 -2.41
C ASN B 174 30.56 5.02 -2.72
N GLY B 175 31.30 5.41 -3.74
CA GLY B 175 32.51 4.73 -4.21
C GLY B 175 32.35 3.41 -4.95
N GLN B 176 31.11 3.02 -5.26
CA GLN B 176 30.79 1.74 -5.91
C GLN B 176 29.98 1.81 -7.21
N GLY B 177 30.37 1.00 -8.18
CA GLY B 177 29.59 0.81 -9.42
C GLY B 177 28.59 -0.33 -9.29
N GLY B 178 28.86 -1.23 -8.36
CA GLY B 178 27.93 -2.30 -8.06
C GLY B 178 26.70 -1.80 -7.32
N ARG B 179 25.64 -2.61 -7.32
CA ARG B 179 24.40 -2.25 -6.64
C ARG B 179 23.82 -3.44 -5.95
N MET B 180 23.21 -3.18 -4.77
CA MET B 180 22.55 -4.28 -4.04
C MET B 180 21.06 -4.03 -4.09
N GLU B 181 20.30 -5.03 -4.54
CA GLU B 181 18.84 -4.94 -4.70
C GLU B 181 18.23 -5.77 -3.59
N PHE B 182 17.50 -5.11 -2.71
CA PHE B 182 16.88 -5.81 -1.61
C PHE B 182 15.42 -6.09 -1.86
N SER B 183 14.94 -7.19 -1.30
CA SER B 183 13.53 -7.58 -1.34
C SER B 183 13.12 -8.02 0.05
N TRP B 184 11.82 -8.16 0.26
CA TRP B 184 11.33 -8.53 1.57
C TRP B 184 10.12 -9.43 1.42
N THR B 185 9.84 -10.15 2.48
CA THR B 185 8.67 -11.02 2.54
C THR B 185 8.19 -11.08 3.98
N LEU B 186 6.98 -11.52 4.16
CA LEU B 186 6.41 -11.74 5.47
C LEU B 186 6.24 -13.26 5.59
N LEU B 187 7.03 -13.90 6.47
CA LEU B 187 7.00 -15.36 6.63
C LEU B 187 5.97 -15.73 7.69
N ASP B 188 4.93 -16.48 7.28
CA ASP B 188 3.84 -16.87 8.17
C ASP B 188 4.31 -17.78 9.29
N MET B 189 3.53 -17.81 10.39
CA MET B 189 3.85 -18.75 11.45
C MET B 189 3.84 -20.18 10.89
N TRP B 190 4.86 -20.97 11.25
CA TRP B 190 5.01 -22.40 10.94
C TRP B 190 5.38 -22.65 9.49
N ASP B 191 5.64 -21.57 8.73
CA ASP B 191 6.09 -21.73 7.36
C ASP B 191 7.61 -21.65 7.37
N THR B 192 8.25 -22.23 6.34
CA THR B 192 9.70 -22.20 6.19
C THR B 192 10.12 -21.33 4.99
N ILE B 193 11.18 -20.54 5.18
CA ILE B 193 11.82 -19.82 4.10
C ILE B 193 13.07 -20.62 3.71
N ASN B 194 13.31 -20.80 2.38
CA ASN B 194 14.47 -21.53 1.90
C ASN B 194 15.27 -20.61 1.03
N PHE B 195 16.60 -20.57 1.24
CA PHE B 195 17.51 -19.76 0.44
C PHE B 195 18.42 -20.70 -0.31
N GLU B 196 18.65 -20.41 -1.59
CA GLU B 196 19.63 -21.20 -2.36
C GLU B 196 20.35 -20.26 -3.28
N SER B 197 21.69 -20.31 -3.30
CA SER B 197 22.39 -19.38 -4.21
C SER B 197 23.75 -19.94 -4.59
N THR B 198 24.16 -19.68 -5.84
CA THR B 198 25.47 -20.04 -6.37
C THR B 198 26.35 -18.79 -6.47
N GLY B 199 25.86 -17.69 -5.90
CA GLY B 199 26.62 -16.45 -5.80
C GLY B 199 25.67 -15.30 -5.71
N ASN B 200 26.16 -14.18 -5.18
CA ASN B 200 25.45 -12.89 -5.19
C ASN B 200 24.37 -12.69 -4.18
N LEU B 201 24.21 -13.60 -3.22
CA LEU B 201 23.21 -13.46 -2.16
C LEU B 201 23.78 -12.63 -1.02
N ILE B 202 22.97 -11.68 -0.57
CA ILE B 202 23.25 -10.87 0.63
C ILE B 202 22.22 -11.43 1.59
N ALA B 203 22.65 -12.34 2.44
CA ALA B 203 21.70 -13.07 3.29
C ALA B 203 21.33 -12.30 4.55
N PRO B 204 20.09 -12.47 5.07
CA PRO B 204 19.82 -11.89 6.39
C PRO B 204 20.45 -12.80 7.46
N GLU B 205 20.79 -12.21 8.60
CA GLU B 205 21.19 -12.98 9.76
C GLU B 205 19.98 -12.99 10.71
N TYR B 206 19.17 -11.92 10.63
CA TYR B 206 18.01 -11.74 11.49
C TYR B 206 16.74 -11.61 10.70
N GLY B 207 15.68 -11.91 11.39
CA GLY B 207 14.30 -11.71 10.97
C GLY B 207 13.65 -10.82 12.01
N PHE B 208 12.59 -10.14 11.63
CA PHE B 208 11.94 -9.22 12.53
C PHE B 208 10.57 -9.78 12.84
N LYS B 209 10.40 -10.34 14.06
CA LYS B 209 9.11 -10.88 14.46
C LYS B 209 8.20 -9.72 14.76
N ILE B 210 6.99 -9.72 14.18
CA ILE B 210 6.00 -8.68 14.46
C ILE B 210 5.42 -8.96 15.88
N SER B 211 5.90 -8.22 16.87
CA SER B 211 5.53 -8.47 18.29
C SER B 211 4.33 -7.72 18.79
N LYS B 212 4.02 -6.60 18.18
CA LYS B 212 2.86 -5.81 18.54
C LYS B 212 2.33 -5.22 17.27
N ARG B 213 0.99 -5.24 17.13
CA ARG B 213 0.26 -4.71 15.99
C ARG B 213 -0.63 -3.58 16.48
N GLY B 214 -0.93 -2.63 15.62
CA GLY B 214 -1.80 -1.52 15.95
C GLY B 214 -1.79 -0.43 14.91
N SER B 215 -2.82 0.41 14.93
CA SER B 215 -2.97 1.52 13.99
C SER B 215 -2.28 2.80 14.43
N SER B 216 -1.77 3.57 13.44
CA SER B 216 -1.05 4.86 13.41
C SER B 216 0.45 4.65 13.14
N GLY B 217 0.87 4.76 11.88
CA GLY B 217 2.25 4.51 11.49
C GLY B 217 3.09 5.66 11.00
N ILE B 218 3.92 5.39 9.97
CA ILE B 218 4.91 6.30 9.35
C ILE B 218 4.46 7.74 9.08
N MET B 219 5.11 8.70 9.75
CA MET B 219 4.88 10.13 9.62
C MET B 219 6.01 10.81 8.85
#